data_7DW3
#
_entry.id   7DW3
#
_cell.length_a   104.882
_cell.length_b   104.882
_cell.length_c   53.090
_cell.angle_alpha   90.000
_cell.angle_beta   90.000
_cell.angle_gamma   120.000
#
_symmetry.space_group_name_H-M   'P 31 2 1'
#
loop_
_entity.id
_entity.type
_entity.pdbx_description
1 polymer 'Glutathione S-transferase'
2 water water
#
_entity_poly.entity_id   1
_entity_poly.type   'polypeptide(L)'
_entity_poly.pdbx_seq_one_letter_code
;HHHHHHMAKSDVKLLGAWPSPFVMRPRIALNIKSVEYEFLEETLGSKSQLLLESNPVHKKTPVLIHGGKPICESLVIVEY
IDEVWSPGPAILPSDPYDRALARFWAAYLDEKWFPTMRNIAAAKDEEARKALIDQVGEGLVLLEDAFSKCSKGKGFFGGD
QIGYLDIAFGSFLGWLRAIEKMNGVKLMDETRTPGLLKWANSFSSHPAVKDVFPETEKLVEFAKVLAKLKATPPK
;
_entity_poly.pdbx_strand_id   A
#
# COMPACT_ATOMS: atom_id res chain seq x y z
N LYS A 9 10.90 -21.49 1.01
CA LYS A 9 9.60 -21.02 1.48
C LYS A 9 9.60 -20.88 3.01
N SER A 10 10.01 -21.95 3.71
CA SER A 10 10.05 -21.89 5.18
C SER A 10 11.13 -20.94 5.68
N ASP A 11 12.08 -20.55 4.84
CA ASP A 11 13.05 -19.54 5.25
C ASP A 11 12.37 -18.18 5.47
N VAL A 12 11.26 -17.94 4.77
CA VAL A 12 10.59 -16.64 4.77
C VAL A 12 9.12 -16.85 5.07
N LYS A 13 8.65 -16.25 6.17
CA LYS A 13 7.25 -16.27 6.55
C LYS A 13 6.76 -14.83 6.67
N LEU A 14 5.52 -14.61 6.25
CA LEU A 14 4.87 -13.30 6.35
C LEU A 14 3.62 -13.43 7.20
N LEU A 15 3.61 -12.76 8.36
CA LEU A 15 2.42 -12.67 9.19
C LEU A 15 1.58 -11.51 8.70
N GLY A 16 0.29 -11.75 8.45
CA GLY A 16 -0.53 -10.64 8.03
C GLY A 16 -2.03 -10.83 8.12
N ALA A 17 -2.72 -9.82 8.64
CA ALA A 17 -4.15 -9.70 8.43
C ALA A 17 -4.43 -9.53 6.94
N TRP A 18 -5.65 -9.88 6.53
CA TRP A 18 -5.97 -9.83 5.13
C TRP A 18 -7.47 -9.62 5.03
N PRO A 19 -7.95 -8.69 4.19
CA PRO A 19 -7.13 -7.91 3.25
C PRO A 19 -6.53 -6.73 4.02
N SER A 20 -5.41 -6.19 3.57
CA SER A 20 -4.81 -5.01 4.20
C SER A 20 -3.80 -4.36 3.26
N PRO A 21 -3.83 -3.03 3.08
CA PRO A 21 -2.80 -2.40 2.21
C PRO A 21 -1.39 -2.63 2.74
N PHE A 22 -1.21 -2.58 4.05
CA PHE A 22 0.12 -2.67 4.63
C PHE A 22 0.70 -4.07 4.46
N VAL A 23 -0.14 -5.09 4.61
CA VAL A 23 0.32 -6.46 4.37
C VAL A 23 0.60 -6.68 2.89
N MET A 24 -0.13 -6.01 2.00
CA MET A 24 0.07 -6.23 0.57
C MET A 24 1.48 -5.84 0.17
N ARG A 25 2.06 -4.81 0.82
CA ARG A 25 3.33 -4.26 0.36
C ARG A 25 4.47 -5.27 0.35
N PRO A 26 4.75 -6.03 1.43
CA PRO A 26 5.81 -7.04 1.33
C PRO A 26 5.46 -8.18 0.41
N ARG A 27 4.18 -8.50 0.24
CA ARG A 27 3.83 -9.55 -0.71
C ARG A 27 4.26 -9.15 -2.11
N ILE A 28 4.04 -7.88 -2.48
CA ILE A 28 4.46 -7.42 -3.81
C ILE A 28 5.98 -7.44 -3.90
N ALA A 29 6.68 -6.92 -2.89
CA ALA A 29 8.13 -6.89 -2.90
C ALA A 29 8.71 -8.30 -3.05
N LEU A 30 8.21 -9.24 -2.25
CA LEU A 30 8.67 -10.62 -2.37
C LEU A 30 8.44 -11.13 -3.80
N ASN A 31 7.28 -10.79 -4.39
CA ASN A 31 7.00 -11.20 -5.76
C ASN A 31 8.01 -10.61 -6.74
N ILE A 32 8.34 -9.34 -6.58
CA ILE A 32 9.31 -8.68 -7.47
C ILE A 32 10.64 -9.41 -7.41
N LYS A 33 11.06 -9.82 -6.22
CA LYS A 33 12.33 -10.52 -6.04
C LYS A 33 12.22 -12.02 -6.28
N SER A 34 11.03 -12.53 -6.60
CA SER A 34 10.84 -13.96 -6.86
C SER A 34 11.18 -14.79 -5.64
N VAL A 35 10.77 -14.34 -4.46
CA VAL A 35 11.12 -15.00 -3.20
C VAL A 35 9.93 -15.86 -2.76
N GLU A 36 10.18 -17.14 -2.55
CA GLU A 36 9.16 -18.04 -2.01
C GLU A 36 8.93 -17.74 -0.55
N TYR A 37 7.67 -17.80 -0.11
CA TYR A 37 7.38 -17.52 1.28
C TYR A 37 6.04 -18.17 1.63
N GLU A 38 5.84 -18.42 2.91
CA GLU A 38 4.56 -18.89 3.40
C GLU A 38 3.80 -17.72 4.02
N PHE A 39 2.53 -17.59 3.68
CA PHE A 39 1.71 -16.51 4.20
C PHE A 39 0.91 -17.02 5.39
N LEU A 40 1.20 -16.47 6.55
CA LEU A 40 0.52 -16.84 7.79
C LEU A 40 -0.55 -15.78 7.98
N GLU A 41 -1.81 -16.20 7.96
CA GLU A 41 -2.89 -15.24 8.09
C GLU A 41 -3.28 -15.05 9.54
N GLU A 42 -3.33 -13.79 9.95
CA GLU A 42 -3.97 -13.37 11.20
C GLU A 42 -5.47 -13.39 10.96
N THR A 43 -6.20 -14.15 11.76
CA THR A 43 -7.64 -14.25 11.59
C THR A 43 -8.36 -13.28 12.53
N LEU A 44 -9.51 -12.78 12.07
CA LEU A 44 -10.34 -11.88 12.87
C LEU A 44 -10.64 -12.48 14.24
N GLY A 45 -10.68 -11.62 15.26
CA GLY A 45 -11.21 -11.99 16.56
C GLY A 45 -10.18 -12.24 17.65
N SER A 46 -8.90 -12.19 17.32
CA SER A 46 -7.85 -12.52 18.27
C SER A 46 -6.52 -12.21 17.63
N LYS A 47 -5.55 -11.87 18.45
CA LYS A 47 -4.18 -11.77 17.99
C LYS A 47 -3.50 -13.10 18.29
N SER A 48 -2.83 -13.65 17.29
CA SER A 48 -2.08 -14.87 17.48
C SER A 48 -0.95 -14.66 18.49
N GLN A 49 -0.53 -15.78 19.08
CA GLN A 49 0.59 -15.72 20.01
C GLN A 49 1.88 -15.39 19.26
N LEU A 50 1.99 -15.82 18.00
CA LEU A 50 3.19 -15.53 17.22
C LEU A 50 3.30 -14.05 16.93
N LEU A 51 2.17 -13.40 16.63
CA LEU A 51 2.12 -11.96 16.46
C LEU A 51 2.53 -11.25 17.74
N LEU A 52 1.95 -11.67 18.87
CA LEU A 52 2.18 -11.00 20.15
C LEU A 52 3.65 -11.05 20.55
N GLU A 53 4.38 -12.09 20.16
CA GLU A 53 5.80 -12.11 20.47
C GLU A 53 6.69 -11.61 19.33
N SER A 54 6.17 -11.55 18.09
CA SER A 54 6.95 -10.99 16.98
C SER A 54 6.90 -9.47 17.00
N ASN A 55 5.72 -8.88 17.17
CA ASN A 55 5.54 -7.44 17.24
C ASN A 55 4.94 -7.04 18.60
N PRO A 56 5.69 -7.20 19.69
CA PRO A 56 5.15 -6.83 21.01
C PRO A 56 4.85 -5.34 21.16
N VAL A 57 5.53 -4.49 20.40
CA VAL A 57 5.38 -3.04 20.58
C VAL A 57 4.04 -2.57 20.01
N HIS A 58 3.76 -2.90 18.75
CA HIS A 58 2.54 -2.43 18.09
C HIS A 58 1.47 -3.50 17.98
N LYS A 59 1.86 -4.77 18.02
CA LYS A 59 0.92 -5.92 17.96
C LYS A 59 0.10 -5.92 16.67
N LYS A 60 0.74 -5.57 15.56
CA LYS A 60 0.02 -5.49 14.29
C LYS A 60 0.86 -6.11 13.19
N THR A 61 0.25 -6.28 12.03
CA THR A 61 0.90 -6.85 10.87
C THR A 61 1.03 -5.78 9.79
N PRO A 62 1.89 -6.01 8.78
CA PRO A 62 2.73 -7.18 8.50
C PRO A 62 3.93 -7.37 9.43
N VAL A 63 4.30 -8.64 9.64
CA VAL A 63 5.58 -9.00 10.21
C VAL A 63 6.22 -10.00 9.27
N LEU A 64 7.39 -9.68 8.75
CA LEU A 64 8.16 -10.65 7.98
C LEU A 64 9.08 -11.41 8.94
N ILE A 65 9.01 -12.74 8.92
CA ILE A 65 9.94 -13.55 9.70
C ILE A 65 10.92 -14.21 8.72
N HIS A 66 12.18 -13.81 8.83
CA HIS A 66 13.25 -14.28 7.96
C HIS A 66 14.25 -15.03 8.83
N GLY A 67 14.23 -16.36 8.74
CA GLY A 67 15.03 -17.19 9.62
C GLY A 67 14.72 -16.96 11.07
N GLY A 68 13.44 -16.98 11.44
CA GLY A 68 13.06 -16.78 12.82
C GLY A 68 13.49 -15.46 13.41
N LYS A 69 13.65 -14.42 12.59
CA LYS A 69 13.91 -13.09 13.10
C LYS A 69 12.81 -12.16 12.58
N PRO A 70 12.18 -11.37 13.44
CA PRO A 70 11.04 -10.55 13.00
C PRO A 70 11.40 -9.14 12.55
N ILE A 71 10.88 -8.74 11.40
CA ILE A 71 11.03 -7.40 10.86
C ILE A 71 9.64 -6.80 10.77
N CYS A 72 9.43 -5.66 11.43
CA CYS A 72 8.11 -5.01 11.48
C CYS A 72 8.11 -3.71 10.68
N GLU A 73 6.89 -3.21 10.40
CA GLU A 73 6.59 -1.99 9.66
C GLU A 73 6.72 -2.22 8.15
N SER A 74 5.62 -2.02 7.43
CA SER A 74 5.51 -2.44 6.03
C SER A 74 6.61 -1.85 5.16
N LEU A 75 6.88 -0.55 5.27
CA LEU A 75 7.90 0.08 4.44
C LEU A 75 9.29 -0.35 4.86
N VAL A 76 9.52 -0.53 6.16
CA VAL A 76 10.81 -1.04 6.63
C VAL A 76 11.04 -2.45 6.08
N ILE A 77 9.98 -3.24 5.97
CA ILE A 77 10.11 -4.59 5.43
C ILE A 77 10.42 -4.55 3.94
N VAL A 78 9.75 -3.65 3.20
CA VAL A 78 10.04 -3.52 1.78
C VAL A 78 11.51 -3.18 1.56
N GLU A 79 12.05 -2.22 2.33
CA GLU A 79 13.45 -1.89 2.08
C GLU A 79 14.35 -3.03 2.52
N TYR A 80 14.01 -3.72 3.62
CA TYR A 80 14.77 -4.91 4.00
C TYR A 80 14.82 -5.92 2.86
N ILE A 81 13.67 -6.21 2.27
CA ILE A 81 13.63 -7.15 1.14
C ILE A 81 14.46 -6.64 -0.02
N ASP A 82 14.33 -5.34 -0.35
CA ASP A 82 15.12 -4.80 -1.45
C ASP A 82 16.61 -5.02 -1.22
N GLU A 83 17.04 -4.80 0.02
CA GLU A 83 18.45 -4.90 0.37
C GLU A 83 19.00 -6.32 0.46
N VAL A 84 18.25 -7.19 1.12
CA VAL A 84 18.70 -8.58 1.30
C VAL A 84 18.78 -9.29 -0.05
N TRP A 85 17.73 -9.19 -0.87
CA TRP A 85 17.73 -9.87 -2.16
C TRP A 85 18.18 -8.93 -3.27
N SER A 86 19.32 -8.30 -3.01
CA SER A 86 19.87 -7.32 -3.94
C SER A 86 20.19 -7.87 -5.34
N PRO A 87 20.49 -9.18 -5.53
CA PRO A 87 20.51 -9.71 -6.91
C PRO A 87 19.31 -9.30 -7.75
N GLY A 88 18.08 -9.45 -7.23
CA GLY A 88 16.89 -9.29 -8.04
C GLY A 88 16.65 -7.86 -8.53
N PRO A 89 15.47 -7.62 -9.10
CA PRO A 89 15.15 -6.27 -9.57
C PRO A 89 15.13 -5.25 -8.43
N ALA A 90 15.63 -4.06 -8.72
CA ALA A 90 15.65 -3.01 -7.72
C ALA A 90 14.23 -2.53 -7.42
N ILE A 91 13.93 -2.37 -6.13
CA ILE A 91 12.65 -1.79 -5.70
C ILE A 91 12.77 -0.29 -5.43
N LEU A 92 13.79 0.11 -4.65
CA LEU A 92 14.04 1.54 -4.47
C LEU A 92 14.82 2.14 -5.64
N PRO A 93 14.62 3.43 -5.92
CA PRO A 93 15.42 4.11 -6.94
C PRO A 93 16.91 3.96 -6.65
N SER A 94 17.74 4.06 -7.67
CA SER A 94 19.16 3.92 -7.41
C SER A 94 19.81 5.25 -7.03
N ASP A 95 19.23 6.37 -7.44
CA ASP A 95 19.86 7.68 -7.17
C ASP A 95 19.44 8.17 -5.78
N PRO A 96 20.37 8.73 -4.99
CA PRO A 96 20.00 9.18 -3.63
C PRO A 96 18.84 10.16 -3.57
N TYR A 97 18.82 11.17 -4.44
CA TYR A 97 17.70 12.11 -4.45
C TYR A 97 16.38 11.41 -4.75
N ASP A 98 16.34 10.56 -5.77
CA ASP A 98 15.09 9.91 -6.16
C ASP A 98 14.53 9.06 -5.03
N ARG A 99 15.45 8.42 -4.29
CA ARG A 99 15.07 7.60 -3.14
C ARG A 99 14.46 8.50 -2.07
N ALA A 100 15.09 9.64 -1.81
CA ALA A 100 14.57 10.56 -0.81
C ALA A 100 13.17 11.03 -1.17
N LEU A 101 12.96 11.40 -2.45
CA LEU A 101 11.60 11.72 -2.89
C LEU A 101 10.66 10.55 -2.68
N ALA A 102 11.10 9.34 -3.04
CA ALA A 102 10.24 8.18 -2.88
C ALA A 102 9.86 7.97 -1.41
N ARG A 103 10.84 8.06 -0.51
CA ARG A 103 10.55 7.92 0.92
C ARG A 103 9.67 9.07 1.42
N PHE A 104 9.94 10.30 0.97
CA PHE A 104 9.09 11.43 1.35
C PHE A 104 7.62 11.19 1.04
N TRP A 105 7.31 10.76 -0.18
CA TRP A 105 5.89 10.64 -0.53
C TRP A 105 5.23 9.44 0.15
N ALA A 106 5.95 8.33 0.34
CA ALA A 106 5.38 7.22 1.10
C ALA A 106 5.07 7.64 2.52
N ALA A 107 5.92 8.48 3.11
CA ALA A 107 5.65 8.97 4.45
C ALA A 107 4.41 9.87 4.46
N TYR A 108 4.32 10.78 3.49
CA TYR A 108 3.11 11.59 3.35
C TYR A 108 1.86 10.70 3.27
N LEU A 109 1.94 9.66 2.44
CA LEU A 109 0.78 8.79 2.25
C LEU A 109 0.35 8.14 3.57
N ASP A 110 1.30 7.61 4.32
CA ASP A 110 1.00 6.86 5.53
C ASP A 110 0.64 7.74 6.71
N GLU A 111 1.23 8.93 6.82
CA GLU A 111 1.00 9.77 7.98
C GLU A 111 -0.14 10.75 7.79
N LYS A 112 -0.41 11.16 6.55
CA LYS A 112 -1.40 12.22 6.31
C LYS A 112 -2.53 11.78 5.39
N TRP A 113 -2.22 11.29 4.19
CA TRP A 113 -3.27 11.02 3.22
C TRP A 113 -4.17 9.86 3.65
N PHE A 114 -3.59 8.69 3.93
CA PHE A 114 -4.45 7.54 4.24
C PHE A 114 -5.19 7.72 5.55
N PRO A 115 -4.58 8.29 6.60
CA PRO A 115 -5.36 8.56 7.82
C PRO A 115 -6.54 9.48 7.55
N THR A 116 -6.38 10.45 6.65
CA THR A 116 -7.49 11.33 6.33
C THR A 116 -8.59 10.59 5.61
N MET A 117 -8.21 9.73 4.65
CA MET A 117 -9.22 8.94 3.95
C MET A 117 -9.94 8.00 4.88
N ARG A 118 -9.23 7.37 5.78
CA ARG A 118 -9.86 6.47 6.67
C ARG A 118 -10.76 7.16 7.73
N ASN A 119 -10.58 8.45 7.92
CA ASN A 119 -11.38 9.22 8.85
C ASN A 119 -12.72 9.62 8.25
N ILE A 120 -12.88 9.50 6.96
CA ILE A 120 -14.12 9.88 6.29
C ILE A 120 -15.25 9.17 6.91
N ALA A 121 -15.07 7.89 7.09
CA ALA A 121 -16.06 7.04 7.63
C ALA A 121 -16.51 7.42 9.01
N ALA A 122 -15.63 8.01 9.79
CA ALA A 122 -15.98 8.36 11.15
C ALA A 122 -16.45 9.77 11.33
N ALA A 123 -16.53 10.50 10.26
CA ALA A 123 -17.00 11.83 10.34
C ALA A 123 -18.39 11.87 10.98
N LYS A 124 -18.59 12.87 11.82
CA LYS A 124 -19.81 13.09 12.53
C LYS A 124 -20.89 13.67 11.64
N ASP A 125 -20.57 14.71 10.87
CA ASP A 125 -21.56 15.35 10.02
C ASP A 125 -21.20 15.29 8.54
N GLU A 126 -22.11 15.79 7.70
CA GLU A 126 -21.90 15.81 6.27
C GLU A 126 -20.91 16.89 5.87
N GLU A 127 -20.69 17.86 6.76
CA GLU A 127 -19.77 18.93 6.48
C GLU A 127 -18.40 18.40 6.76
N ALA A 128 -18.26 17.68 7.85
CA ALA A 128 -17.00 17.15 8.21
C ALA A 128 -16.56 16.13 7.19
N ARG A 129 -17.50 15.34 6.73
CA ARG A 129 -17.25 14.34 5.77
C ARG A 129 -16.76 14.95 4.48
N LYS A 130 -17.47 15.93 3.99
CA LYS A 130 -17.08 16.61 2.79
C LYS A 130 -15.69 17.21 2.88
N ALA A 131 -15.35 17.75 4.03
CA ALA A 131 -14.06 18.35 4.22
C ALA A 131 -12.95 17.35 4.04
N LEU A 132 -13.14 16.17 4.59
CA LEU A 132 -12.17 15.11 4.50
C LEU A 132 -12.01 14.65 3.07
N ILE A 133 -13.12 14.48 2.40
CA ILE A 133 -13.08 14.05 0.99
C ILE A 133 -12.31 15.07 0.16
N ASP A 134 -12.56 16.36 0.40
CA ASP A 134 -11.84 17.39 -0.32
C ASP A 134 -10.35 17.27 -0.08
N GLN A 135 -9.96 16.98 1.15
CA GLN A 135 -8.54 16.86 1.49
C GLN A 135 -7.92 15.65 0.82
N VAL A 136 -8.65 14.52 0.76
CA VAL A 136 -8.14 13.35 0.05
C VAL A 136 -7.94 13.70 -1.41
N GLY A 137 -8.90 14.41 -2.00
CA GLY A 137 -8.78 14.81 -3.39
C GLY A 137 -7.61 15.74 -3.65
N GLU A 138 -7.35 16.67 -2.74
CA GLU A 138 -6.21 17.55 -2.94
C GLU A 138 -4.89 16.79 -2.81
N GLY A 139 -4.82 15.79 -1.92
CA GLY A 139 -3.63 14.97 -1.84
C GLY A 139 -3.35 14.23 -3.15
N LEU A 140 -4.41 13.79 -3.83
CA LEU A 140 -4.24 13.12 -5.12
C LEU A 140 -3.65 14.07 -6.16
N VAL A 141 -4.08 15.35 -6.14
CA VAL A 141 -3.47 16.33 -7.05
C VAL A 141 -1.98 16.44 -6.78
N LEU A 142 -1.60 16.49 -5.50
CA LEU A 142 -0.19 16.44 -5.13
C LEU A 142 0.47 15.18 -5.67
N LEU A 143 -0.23 14.04 -5.57
CA LEU A 143 0.36 12.77 -6.00
C LEU A 143 0.39 12.65 -7.52
N GLU A 144 -0.58 13.24 -8.21
CA GLU A 144 -0.48 13.31 -9.67
C GLU A 144 0.79 14.03 -10.08
N ASP A 145 1.07 15.17 -9.43
CA ASP A 145 2.26 15.93 -9.77
C ASP A 145 3.53 15.16 -9.38
N ALA A 146 3.51 14.46 -8.25
CA ALA A 146 4.65 13.62 -7.90
C ALA A 146 4.87 12.54 -8.95
N PHE A 147 3.77 11.95 -9.45
CA PHE A 147 3.89 10.91 -10.48
C PHE A 147 4.55 11.47 -11.74
N SER A 148 4.12 12.66 -12.18
CA SER A 148 4.75 13.32 -13.31
C SER A 148 6.27 13.44 -13.14
N LYS A 149 6.70 13.95 -11.98
CA LYS A 149 8.12 14.11 -11.71
C LYS A 149 8.83 12.76 -11.58
N CYS A 150 8.25 11.82 -10.85
CA CYS A 150 8.93 10.54 -10.61
C CYS A 150 8.99 9.69 -11.87
N SER A 151 7.87 9.60 -12.60
CA SER A 151 7.77 8.61 -13.67
C SER A 151 8.59 8.98 -14.89
N LYS A 152 8.83 10.27 -15.12
CA LYS A 152 9.45 10.77 -16.35
C LYS A 152 8.77 10.20 -17.60
N GLY A 153 7.45 10.13 -17.56
CA GLY A 153 6.73 9.63 -18.72
C GLY A 153 6.77 8.13 -18.91
N LYS A 154 7.32 7.39 -17.95
CA LYS A 154 7.38 5.95 -18.03
C LYS A 154 6.16 5.39 -17.29
N GLY A 155 6.07 4.08 -17.16
CA GLY A 155 4.84 3.52 -16.62
C GLY A 155 4.59 3.83 -15.15
N PHE A 156 5.65 3.85 -14.36
CA PHE A 156 5.49 3.73 -12.92
C PHE A 156 6.19 4.87 -12.20
N PHE A 157 5.87 5.02 -10.91
CA PHE A 157 6.65 5.91 -10.06
C PHE A 157 8.11 5.50 -10.09
N GLY A 158 8.37 4.19 -10.17
CA GLY A 158 9.71 3.68 -10.26
C GLY A 158 10.37 3.84 -11.62
N GLY A 159 9.67 4.40 -12.59
CA GLY A 159 10.18 4.53 -13.94
C GLY A 159 9.61 3.45 -14.85
N ASP A 160 10.50 2.76 -15.58
CA ASP A 160 10.04 1.70 -16.46
C ASP A 160 9.53 0.51 -15.67
N GLN A 161 9.89 0.44 -14.39
CA GLN A 161 9.71 -0.76 -13.59
C GLN A 161 9.03 -0.37 -12.29
N ILE A 162 8.17 -1.26 -11.79
CA ILE A 162 7.48 -0.99 -10.54
C ILE A 162 8.51 -0.76 -9.43
N GLY A 163 8.23 0.18 -8.53
CA GLY A 163 9.19 0.54 -7.51
C GLY A 163 8.54 0.79 -6.17
N TYR A 164 9.39 1.21 -5.23
CA TYR A 164 8.98 1.43 -3.84
C TYR A 164 7.72 2.28 -3.71
N LEU A 165 7.68 3.44 -4.37
CA LEU A 165 6.52 4.32 -4.25
C LEU A 165 5.28 3.73 -4.91
N ASP A 166 5.44 3.00 -6.01
CA ASP A 166 4.29 2.30 -6.58
C ASP A 166 3.67 1.38 -5.54
N ILE A 167 4.52 0.65 -4.83
CA ILE A 167 4.05 -0.28 -3.79
C ILE A 167 3.34 0.48 -2.68
N ALA A 168 3.94 1.58 -2.21
CA ALA A 168 3.34 2.31 -1.10
C ALA A 168 1.98 2.88 -1.49
N PHE A 169 1.93 3.57 -2.63
CA PHE A 169 0.69 4.20 -3.06
C PHE A 169 -0.30 3.17 -3.62
N GLY A 170 0.18 2.29 -4.49
CA GLY A 170 -0.70 1.28 -5.08
C GLY A 170 -1.39 0.39 -4.07
N SER A 171 -0.73 0.09 -2.94
CA SER A 171 -1.35 -0.76 -1.91
C SER A 171 -2.69 -0.20 -1.45
N PHE A 172 -2.86 1.13 -1.51
CA PHE A 172 -4.10 1.76 -1.06
C PHE A 172 -5.19 1.89 -2.13
N LEU A 173 -4.87 1.55 -3.40
CA LEU A 173 -5.80 1.81 -4.51
C LEU A 173 -7.15 1.15 -4.28
N GLY A 174 -7.15 -0.12 -3.86
CA GLY A 174 -8.41 -0.79 -3.59
C GLY A 174 -9.26 -0.06 -2.56
N TRP A 175 -8.64 0.40 -1.48
CA TRP A 175 -9.37 1.16 -0.46
C TRP A 175 -9.78 2.53 -0.96
N LEU A 176 -8.99 3.15 -1.84
CA LEU A 176 -9.41 4.41 -2.42
C LEU A 176 -10.70 4.22 -3.21
N ARG A 177 -10.75 3.19 -4.06
CA ARG A 177 -11.93 2.96 -4.89
C ARG A 177 -13.16 2.60 -4.04
N ALA A 178 -12.98 1.78 -3.00
CA ALA A 178 -14.09 1.42 -2.13
C ALA A 178 -14.70 2.66 -1.47
N ILE A 179 -13.86 3.53 -0.93
CA ILE A 179 -14.36 4.74 -0.27
C ILE A 179 -14.95 5.71 -1.30
N GLU A 180 -14.42 5.75 -2.51
CA GLU A 180 -15.05 6.49 -3.59
C GLU A 180 -16.47 5.97 -3.83
N LYS A 181 -16.58 4.65 -4.06
CA LYS A 181 -17.87 4.05 -4.34
C LYS A 181 -18.84 4.25 -3.18
N MET A 182 -18.39 4.00 -1.95
CA MET A 182 -19.33 4.05 -0.82
C MET A 182 -19.75 5.47 -0.49
N ASN A 183 -18.96 6.48 -0.88
CA ASN A 183 -19.30 7.86 -0.65
C ASN A 183 -19.86 8.55 -1.88
N GLY A 184 -19.88 7.85 -3.02
CA GLY A 184 -20.42 8.45 -4.24
C GLY A 184 -19.62 9.59 -4.81
N VAL A 185 -18.29 9.50 -4.75
CA VAL A 185 -17.44 10.54 -5.30
C VAL A 185 -16.45 9.89 -6.24
N LYS A 186 -15.93 10.69 -7.17
CA LYS A 186 -14.82 10.30 -8.03
C LYS A 186 -13.66 11.22 -7.70
N LEU A 187 -12.72 10.73 -6.90
CA LEU A 187 -11.58 11.51 -6.48
C LEU A 187 -10.46 11.50 -7.51
N MET A 188 -10.42 10.49 -8.36
CA MET A 188 -9.36 10.34 -9.34
C MET A 188 -10.02 10.28 -10.72
N ASP A 189 -9.85 11.34 -11.51
CA ASP A 189 -10.52 11.46 -12.80
C ASP A 189 -9.53 11.93 -13.86
N GLU A 190 -10.03 12.07 -15.10
CA GLU A 190 -9.16 12.43 -16.21
C GLU A 190 -8.71 13.87 -16.16
N THR A 191 -9.53 14.77 -15.61
CA THR A 191 -9.17 16.18 -15.66
C THR A 191 -8.01 16.47 -14.71
N ARG A 192 -8.11 15.99 -13.47
CA ARG A 192 -7.15 16.33 -12.44
C ARG A 192 -6.09 15.26 -12.20
N THR A 193 -6.37 13.98 -12.45
CA THR A 193 -5.39 12.91 -12.25
C THR A 193 -5.32 11.97 -13.45
N PRO A 194 -5.03 12.49 -14.64
CA PRO A 194 -4.95 11.59 -15.81
C PRO A 194 -3.81 10.59 -15.73
N GLY A 195 -2.64 11.00 -15.26
CA GLY A 195 -1.54 10.07 -15.15
C GLY A 195 -1.82 8.97 -14.15
N LEU A 196 -2.43 9.32 -13.01
CA LEU A 196 -2.70 8.32 -11.98
C LEU A 196 -3.76 7.32 -12.44
N LEU A 197 -4.75 7.79 -13.21
CA LEU A 197 -5.75 6.89 -13.77
C LEU A 197 -5.09 5.79 -14.60
N LYS A 198 -4.21 6.19 -15.51
CA LYS A 198 -3.48 5.22 -16.33
C LYS A 198 -2.59 4.32 -15.48
N TRP A 199 -1.83 4.91 -14.56
CA TRP A 199 -0.93 4.13 -13.71
C TRP A 199 -1.69 3.13 -12.86
N ALA A 200 -2.91 3.46 -12.44
CA ALA A 200 -3.66 2.55 -11.58
C ALA A 200 -3.98 1.24 -12.30
N ASN A 201 -4.16 1.29 -13.63
CA ASN A 201 -4.35 0.03 -14.37
C ASN A 201 -3.02 -0.69 -14.53
N SER A 202 -1.96 0.05 -14.86
CA SER A 202 -0.62 -0.53 -14.97
C SER A 202 -0.24 -1.25 -13.68
N PHE A 203 -0.47 -0.59 -12.53
CA PHE A 203 -0.14 -1.20 -11.24
C PHE A 203 -0.97 -2.44 -10.99
N SER A 204 -2.29 -2.30 -11.05
CA SER A 204 -3.16 -3.38 -10.61
C SER A 204 -3.04 -4.59 -11.52
N SER A 205 -2.68 -4.41 -12.79
CA SER A 205 -2.48 -5.48 -13.77
C SER A 205 -1.10 -6.09 -13.71
N HIS A 206 -0.18 -5.51 -12.95
CA HIS A 206 1.19 -5.96 -12.93
C HIS A 206 1.29 -7.41 -12.42
N PRO A 207 2.19 -8.21 -13.01
CA PRO A 207 2.28 -9.62 -12.59
C PRO A 207 2.62 -9.80 -11.13
N ALA A 208 3.41 -8.88 -10.54
CA ALA A 208 3.76 -9.00 -9.13
C ALA A 208 2.65 -8.48 -8.22
N VAL A 209 1.60 -7.88 -8.78
CA VAL A 209 0.53 -7.26 -8.01
C VAL A 209 -0.78 -8.01 -8.16
N LYS A 210 -1.13 -8.42 -9.38
CA LYS A 210 -2.55 -8.71 -9.67
C LYS A 210 -3.12 -9.83 -8.81
N ASP A 211 -2.32 -10.79 -8.38
CA ASP A 211 -2.85 -11.88 -7.58
C ASP A 211 -2.98 -11.54 -6.10
N VAL A 212 -2.49 -10.39 -5.65
CA VAL A 212 -2.68 -9.97 -4.27
C VAL A 212 -3.52 -8.70 -4.17
N PHE A 213 -4.10 -8.22 -5.32
CA PHE A 213 -4.86 -6.97 -5.41
C PHE A 213 -6.35 -7.22 -5.21
N PRO A 214 -7.03 -6.47 -4.36
CA PRO A 214 -8.43 -6.78 -4.01
C PRO A 214 -9.46 -6.20 -4.97
N GLU A 215 -10.51 -7.00 -5.23
CA GLU A 215 -11.73 -6.50 -5.84
C GLU A 215 -12.28 -5.36 -5.00
N THR A 216 -12.69 -4.26 -5.65
CA THR A 216 -13.29 -3.16 -4.90
C THR A 216 -14.52 -3.61 -4.12
N GLU A 217 -15.42 -4.37 -4.77
CA GLU A 217 -16.65 -4.80 -4.11
C GLU A 217 -16.34 -5.67 -2.90
N LYS A 218 -15.32 -6.51 -3.01
CA LYS A 218 -14.79 -7.27 -1.89
C LYS A 218 -14.52 -6.38 -0.67
N LEU A 219 -13.80 -5.27 -0.88
CA LEU A 219 -13.48 -4.42 0.27
C LEU A 219 -14.70 -3.69 0.78
N VAL A 220 -15.61 -3.29 -0.11
CA VAL A 220 -16.84 -2.66 0.34
C VAL A 220 -17.64 -3.63 1.21
N GLU A 221 -17.90 -4.83 0.69
CA GLU A 221 -18.63 -5.81 1.47
C GLU A 221 -17.91 -6.12 2.77
N PHE A 222 -16.57 -6.11 2.74
CA PHE A 222 -15.81 -6.41 3.96
C PHE A 222 -15.88 -5.27 4.97
N ALA A 223 -15.85 -4.03 4.52
CA ALA A 223 -16.05 -2.92 5.45
C ALA A 223 -17.34 -3.08 6.21
N LYS A 224 -18.35 -3.64 5.54
CA LYS A 224 -19.65 -3.84 6.16
C LYS A 224 -19.61 -4.95 7.19
N VAL A 225 -18.79 -5.98 6.98
CA VAL A 225 -18.58 -7.00 7.98
C VAL A 225 -17.93 -6.38 9.21
N LEU A 226 -16.89 -5.58 8.99
CA LEU A 226 -16.16 -4.98 10.11
C LEU A 226 -17.06 -4.10 10.96
N ALA A 227 -18.03 -3.43 10.35
CA ALA A 227 -18.90 -2.50 11.06
C ALA A 227 -19.63 -3.18 12.22
N LYS A 228 -18.91 -3.47 13.31
CA LYS A 228 -19.49 -4.08 14.51
C LYS A 228 -18.97 -3.41 15.77
#